data_4CRL
#
_entry.id   4CRL
#
_cell.length_a   70.490
_cell.length_b   71.252
_cell.length_c   171.247
_cell.angle_alpha   90.00
_cell.angle_beta   90.00
_cell.angle_gamma   90.00
#
_symmetry.space_group_name_H-M   'P 21 21 21'
#
loop_
_entity.id
_entity.type
_entity.pdbx_description
1 polymer 'CYCLIN-DEPENDENT KINASE 8'
2 polymer CYCLIN-C
3 non-polymer 'CORTISTATIN A'
4 non-polymer 'FORMIC ACID'
5 water water
#
loop_
_entity_poly.entity_id
_entity_poly.type
_entity_poly.pdbx_seq_one_letter_code
_entity_poly.pdbx_strand_id
1 'polypeptide(L)'
;DDKMDYDFKVKLSSERERVEDLFEYEGCKVGRGTYGHVYKAKRKDGKDDKDYALKQIEGTGISMSACREIALLRELKHPN
VISLQKVFLSHADRKVWLLFDYAEHDLWHIIKFHRASKANKKPVQLPRGMVKSLLYQILDGIHYLHANWVLHRDLKPANI
LVMGEGPERGRVKIADMGFARLFNSPLKPLADLDPVVVTFWYRAPELLLGARHYTKAIDIWAIGCIFAELLTSEPIFHCR
QEDIKTSNPYHHDQLDRIFNVMGFPADKDWEDIKKMPEHSTLMKDFRRNTYTNCSLIKYMEKHKVKPDSKAFHLLQKLLT
MDPIKRITSEQAMQDPYFLEDPLPTSDVFAGCQIPYPKREFLTEEEPDDKGDKKNQQQQQGNNHTNGTGHPGNQDSSHTQ
GPPLKK
;
A
2 'polypeptide(L)'
;KAMAGNFWQSSHYLQWILDKQDLLKERQKDLKFLSEEEYWKLQIFFTNVIQALGEHLKLRQQVIATATVYFKRFYARYSL
KSIDPVLMAPTCVFLASKVEEFGVVSNTRLIAAATSVLKTRFSYAFPKEFPYRMNHILECEFYLLELMDCCLIVYHPYRP
LLQYVQDMGQEDMLLPLAWRIVNDTYRTDLCLLYPPFMIALACLHVACVVQQKDARQWFAELSVDMEKILEIIRVILKLY
EQWKNFDERKEMATILSKMPKPKPPPNSEGEQGPNGSQNSSYSQS
;
B
#
loop_
_chem_comp.id
_chem_comp.type
_chem_comp.name
_chem_comp.formula
C1I non-polymer 'CORTISTATIN A' 'C30 H36 N2 O3'
FMT non-polymer 'FORMIC ACID' 'C H2 O2'
#
# COMPACT_ATOMS: atom_id res chain seq x y z
N ASP A 1 23.72 -4.11 -17.22
CA ASP A 1 24.61 -5.08 -16.51
C ASP A 1 25.34 -5.94 -17.55
N ASP A 2 26.62 -6.23 -17.27
CA ASP A 2 27.45 -7.12 -18.10
C ASP A 2 27.23 -8.59 -17.77
N LYS A 3 26.88 -8.89 -16.52
CA LYS A 3 26.52 -10.25 -16.05
C LYS A 3 24.99 -10.48 -15.94
N MET A 4 24.22 -9.84 -16.84
CA MET A 4 22.80 -10.18 -17.10
C MET A 4 22.69 -10.80 -18.49
N ASP A 5 21.79 -11.77 -18.66
CA ASP A 5 21.69 -12.48 -19.95
C ASP A 5 21.20 -11.60 -21.11
N TYR A 6 22.01 -11.53 -22.16
CA TYR A 6 21.71 -10.73 -23.33
C TYR A 6 20.38 -11.08 -23.95
N ASP A 7 20.09 -12.37 -24.10
CA ASP A 7 18.85 -12.81 -24.76
C ASP A 7 17.62 -12.39 -23.97
N PHE A 8 17.65 -12.65 -22.67
CA PHE A 8 16.64 -12.14 -21.73
C PHE A 8 16.50 -10.62 -21.84
N LYS A 9 17.60 -9.88 -21.79
CA LYS A 9 17.55 -8.41 -21.84
C LYS A 9 16.93 -7.88 -23.14
N VAL A 10 17.38 -8.35 -24.28
CA VAL A 10 16.85 -7.85 -25.56
C VAL A 10 15.42 -8.29 -25.84
N LYS A 11 15.06 -9.49 -25.36
CA LYS A 11 13.69 -9.94 -25.44
C LYS A 11 12.78 -8.98 -24.69
N LEU A 12 13.14 -8.65 -23.44
CA LEU A 12 12.31 -7.74 -22.63
C LEU A 12 12.26 -6.33 -23.18
N SER A 13 13.40 -5.83 -23.63
CA SER A 13 13.45 -4.51 -24.24
C SER A 13 12.55 -4.39 -25.48
N SER A 14 12.49 -5.44 -26.30
CA SER A 14 11.63 -5.54 -27.48
C SER A 14 10.15 -5.50 -27.13
N GLU A 15 9.75 -6.26 -26.11
CA GLU A 15 8.34 -6.35 -25.68
C GLU A 15 7.90 -5.22 -24.77
N ARG A 16 8.82 -4.43 -24.22
CA ARG A 16 8.44 -3.47 -23.19
C ARG A 16 7.61 -2.34 -23.79
N GLU A 17 6.40 -2.19 -23.28
CA GLU A 17 5.53 -1.09 -23.66
C GLU A 17 6.08 0.16 -23.00
N ARG A 18 6.43 1.14 -23.84
CA ARG A 18 6.91 2.44 -23.39
C ARG A 18 5.76 3.45 -23.44
N VAL A 19 5.66 4.30 -22.42
CA VAL A 19 4.58 5.31 -22.29
C VAL A 19 4.43 6.21 -23.51
N GLU A 20 5.57 6.65 -24.06
CA GLU A 20 5.62 7.60 -25.17
C GLU A 20 5.25 7.03 -26.55
N ASP A 21 5.31 5.71 -26.72
CA ASP A 21 4.76 5.04 -27.93
C ASP A 21 3.27 4.78 -27.79
N LEU A 22 2.82 4.46 -26.58
CA LEU A 22 1.41 4.15 -26.33
C LEU A 22 0.49 5.36 -26.27
N PHE A 23 1.00 6.49 -25.77
CA PHE A 23 0.16 7.65 -25.43
C PHE A 23 0.60 8.97 -26.04
N GLU A 24 -0.38 9.73 -26.55
CA GLU A 24 -0.19 11.11 -26.95
C GLU A 24 -0.59 11.96 -25.74
N TYR A 25 0.40 12.66 -25.19
CA TYR A 25 0.22 13.58 -24.07
C TYR A 25 1.11 14.84 -24.17
N GLU A 26 1.76 15.11 -25.31
CA GLU A 26 2.70 16.24 -25.43
C GLU A 26 1.94 17.56 -25.27
N GLY A 27 2.36 18.36 -24.28
CA GLY A 27 1.72 19.65 -23.99
C GLY A 27 0.30 19.54 -23.47
N CYS A 28 -0.04 18.42 -22.86
CA CYS A 28 -1.39 18.19 -22.34
C CYS A 28 -1.33 18.07 -20.83
N LYS A 29 -0.52 18.90 -20.18
CA LYS A 29 -0.31 18.80 -18.75
C LYS A 29 -1.48 19.47 -18.05
N VAL A 30 -2.06 18.78 -17.07
CA VAL A 30 -3.17 19.35 -16.30
C VAL A 30 -2.82 19.64 -14.84
N GLY A 31 -1.84 18.90 -14.28
CA GLY A 31 -1.37 19.14 -12.92
C GLY A 31 0.14 19.09 -12.79
N ARG A 32 0.67 19.91 -11.89
CA ARG A 32 2.08 19.89 -11.53
C ARG A 32 2.12 20.16 -10.04
N GLY A 33 2.74 19.27 -9.28
CA GLY A 33 2.85 19.45 -7.83
C GLY A 33 3.78 18.47 -7.17
N THR A 34 3.59 18.27 -5.87
CA THR A 34 4.40 17.33 -5.09
C THR A 34 4.16 15.88 -5.50
N TYR A 35 2.96 15.59 -5.98
CA TYR A 35 2.67 14.33 -6.68
C TYR A 35 3.53 14.07 -7.94
N GLY A 36 3.76 15.12 -8.71
CA GLY A 36 4.52 15.01 -9.96
C GLY A 36 3.85 15.75 -11.10
N HIS A 37 3.76 15.08 -12.24
CA HIS A 37 3.27 15.65 -13.48
C HIS A 37 2.08 14.81 -13.93
N VAL A 38 0.92 15.42 -14.09
CA VAL A 38 -0.28 14.71 -14.52
C VAL A 38 -0.72 15.28 -15.85
N TYR A 39 -0.86 14.41 -16.84
CA TYR A 39 -1.26 14.77 -18.20
C TYR A 39 -2.58 14.10 -18.56
N LYS A 40 -3.38 14.77 -19.39
CA LYS A 40 -4.55 14.17 -20.03
C LYS A 40 -4.01 13.52 -21.30
N ALA A 41 -4.27 12.23 -21.48
CA ALA A 41 -3.64 11.47 -22.57
C ALA A 41 -4.63 10.72 -23.41
N LYS A 42 -4.20 10.40 -24.63
CA LYS A 42 -4.98 9.65 -25.59
C LYS A 42 -4.09 8.49 -26.05
N ARG A 43 -4.70 7.35 -26.33
CA ARG A 43 -4.00 6.18 -26.86
C ARG A 43 -3.66 6.44 -28.33
N LYS A 44 -2.43 6.15 -28.74
CA LYS A 44 -1.94 6.46 -30.12
C LYS A 44 -2.50 5.50 -31.19
N ASP A 45 -2.57 4.21 -30.85
CA ASP A 45 -3.41 3.27 -31.62
C ASP A 45 -4.86 3.60 -31.26
N GLY A 46 -5.67 3.96 -32.26
CA GLY A 46 -7.05 4.38 -32.00
C GLY A 46 -7.98 3.21 -31.72
N LYS A 47 -7.68 2.44 -30.68
CA LYS A 47 -8.53 1.32 -30.28
C LYS A 47 -9.76 1.90 -29.55
N ASP A 48 -9.52 2.55 -28.41
CA ASP A 48 -10.58 3.27 -27.65
C ASP A 48 -10.36 4.79 -27.77
N ASP A 49 -11.42 5.56 -27.53
CA ASP A 49 -11.36 7.03 -27.57
C ASP A 49 -11.51 7.64 -26.17
N LYS A 50 -11.22 6.85 -25.13
CA LYS A 50 -11.34 7.33 -23.74
C LYS A 50 -10.23 8.34 -23.39
N ASP A 51 -10.50 9.17 -22.39
CA ASP A 51 -9.49 10.04 -21.81
C ASP A 51 -8.83 9.31 -20.65
N TYR A 52 -7.49 9.32 -20.66
CA TYR A 52 -6.70 8.79 -19.55
C TYR A 52 -5.93 9.89 -18.82
N ALA A 53 -5.60 9.63 -17.57
CA ALA A 53 -4.68 10.47 -16.81
C ALA A 53 -3.37 9.72 -16.68
N LEU A 54 -2.27 10.39 -17.04
CA LEU A 54 -0.93 9.84 -16.93
C LEU A 54 -0.21 10.65 -15.90
N LYS A 55 0.19 10.03 -14.80
CA LYS A 55 0.98 10.68 -13.78
C LYS A 55 2.43 10.20 -13.85
N GLN A 56 3.36 11.13 -14.03
CA GLN A 56 4.79 10.83 -13.82
C GLN A 56 5.13 11.16 -12.38
N ILE A 57 5.56 10.18 -11.59
CA ILE A 57 5.80 10.41 -10.16
C ILE A 57 7.00 11.36 -10.02
N GLU A 58 6.94 12.27 -9.05
CA GLU A 58 8.10 13.09 -8.64
C GLU A 58 9.31 12.21 -8.32
N GLY A 59 10.48 12.66 -8.72
CA GLY A 59 11.73 11.96 -8.46
C GLY A 59 12.00 10.91 -9.51
N THR A 60 13.03 10.12 -9.27
CA THR A 60 13.38 8.95 -10.09
C THR A 60 13.43 7.72 -9.21
N GLY A 61 13.50 6.56 -9.85
CA GLY A 61 13.62 5.29 -9.16
C GLY A 61 12.36 4.90 -8.40
N ILE A 62 12.55 4.05 -7.39
CA ILE A 62 11.45 3.55 -6.59
C ILE A 62 11.66 4.07 -5.18
N SER A 63 11.15 5.27 -4.94
CA SER A 63 11.17 5.86 -3.61
C SER A 63 10.02 5.27 -2.80
N MET A 64 10.04 5.55 -1.50
CA MET A 64 9.00 5.09 -0.59
C MET A 64 7.61 5.48 -1.04
N SER A 65 7.42 6.74 -1.35
CA SER A 65 6.15 7.23 -1.87
C SER A 65 5.71 6.44 -3.09
N ALA A 66 6.66 6.24 -4.02
CA ALA A 66 6.40 5.55 -5.28
C ALA A 66 6.07 4.08 -5.03
N CYS A 67 6.94 3.44 -4.25
CA CYS A 67 6.82 2.03 -3.90
C CYS A 67 5.49 1.71 -3.24
N ARG A 68 5.15 2.48 -2.23
CA ARG A 68 3.89 2.27 -1.50
C ARG A 68 2.65 2.67 -2.30
N GLU A 69 2.70 3.76 -3.06
CA GLU A 69 1.56 4.11 -3.92
C GLU A 69 1.23 2.99 -4.91
N ILE A 70 2.26 2.43 -5.55
CA ILE A 70 2.10 1.28 -6.46
C ILE A 70 1.54 0.06 -5.72
N ALA A 71 2.19 -0.30 -4.61
CA ALA A 71 1.76 -1.43 -3.78
C ALA A 71 0.28 -1.41 -3.42
N LEU A 72 -0.20 -0.28 -2.92
CA LEU A 72 -1.58 -0.17 -2.45
C LEU A 72 -2.58 -0.10 -3.58
N LEU A 73 -2.29 0.74 -4.55
CA LEU A 73 -3.19 0.91 -5.69
C LEU A 73 -3.34 -0.37 -6.49
N ARG A 74 -2.31 -1.20 -6.46
CA ARG A 74 -2.37 -2.48 -7.12
C ARG A 74 -3.36 -3.43 -6.50
N GLU A 75 -3.62 -3.25 -5.22
CA GLU A 75 -4.57 -4.06 -4.48
C GLU A 75 -5.97 -3.45 -4.33
N LEU A 76 -6.06 -2.12 -4.17
CA LEU A 76 -7.35 -1.48 -3.85
C LEU A 76 -8.31 -1.46 -5.03
N LYS A 77 -9.55 -1.90 -4.79
CA LYS A 77 -10.58 -1.90 -5.81
C LYS A 77 -11.88 -1.45 -5.18
N HIS A 78 -12.32 -0.23 -5.50
CA HIS A 78 -13.61 0.29 -5.04
C HIS A 78 -14.04 1.41 -5.99
N PRO A 79 -15.35 1.53 -6.30
CA PRO A 79 -15.82 2.55 -7.26
C PRO A 79 -15.46 4.00 -6.91
N ASN A 80 -15.40 4.29 -5.62
CA ASN A 80 -15.01 5.61 -5.13
C ASN A 80 -13.54 5.88 -4.85
N VAL A 81 -12.66 4.98 -5.32
CA VAL A 81 -11.22 5.17 -5.23
C VAL A 81 -10.60 5.00 -6.61
N ILE A 82 -9.72 5.94 -6.98
CA ILE A 82 -9.10 5.96 -8.31
C ILE A 82 -8.37 4.64 -8.57
N SER A 83 -8.57 4.08 -9.77
CA SER A 83 -8.03 2.77 -10.15
C SER A 83 -6.76 2.94 -10.94
N LEU A 84 -5.69 2.30 -10.48
CA LEU A 84 -4.48 2.13 -11.29
C LEU A 84 -4.73 1.13 -12.41
N GLN A 85 -4.59 1.60 -13.63
CA GLN A 85 -4.78 0.76 -14.82
C GLN A 85 -3.48 0.10 -15.26
N LYS A 86 -2.37 0.85 -15.20
CA LYS A 86 -1.10 0.36 -15.69
C LYS A 86 0.02 1.15 -15.07
N VAL A 87 1.20 0.54 -15.06
CA VAL A 87 2.41 1.13 -14.54
C VAL A 87 3.43 1.02 -15.65
N PHE A 88 4.07 2.14 -16.01
CA PHE A 88 5.20 2.16 -16.94
C PHE A 88 6.46 2.50 -16.19
N LEU A 89 7.46 1.65 -16.37
CA LEU A 89 8.76 1.86 -15.82
C LEU A 89 9.66 2.23 -16.98
N SER A 90 10.08 3.49 -17.04
CA SER A 90 10.97 3.99 -18.08
C SER A 90 12.43 3.78 -17.67
N HIS A 91 13.10 2.81 -18.31
CA HIS A 91 14.42 2.33 -17.89
C HIS A 91 15.54 3.32 -18.12
N ALA A 92 15.49 4.05 -19.25
CA ALA A 92 16.51 5.07 -19.59
C ALA A 92 16.66 6.18 -18.53
N ASP A 93 15.54 6.82 -18.21
CA ASP A 93 15.49 7.96 -17.26
C ASP A 93 15.05 7.58 -15.84
N ARG A 94 14.75 6.29 -15.62
CA ARG A 94 14.34 5.79 -14.31
C ARG A 94 13.08 6.53 -13.74
N LYS A 95 12.13 6.85 -14.62
CA LYS A 95 10.90 7.52 -14.22
C LYS A 95 9.79 6.49 -14.13
N VAL A 96 8.88 6.67 -13.19
CA VAL A 96 7.72 5.79 -13.10
C VAL A 96 6.49 6.58 -13.56
N TRP A 97 5.74 6.00 -14.50
CA TRP A 97 4.47 6.54 -14.89
C TRP A 97 3.34 5.65 -14.40
N LEU A 98 2.23 6.26 -14.00
CA LEU A 98 0.99 5.56 -13.61
C LEU A 98 -0.17 6.00 -14.50
N LEU A 99 -1.00 5.04 -14.92
CA LEU A 99 -2.13 5.30 -15.79
C LEU A 99 -3.43 5.21 -15.01
N PHE A 100 -4.30 6.21 -15.14
CA PHE A 100 -5.66 6.18 -14.55
C PHE A 100 -6.70 6.60 -15.57
N ASP A 101 -7.96 6.29 -15.29
CA ASP A 101 -9.07 6.93 -16.00
C ASP A 101 -9.10 8.43 -15.64
N TYR A 102 -9.42 9.25 -16.61
CA TYR A 102 -9.34 10.70 -16.48
C TYR A 102 -10.62 11.22 -15.83
N ALA A 103 -10.47 11.96 -14.74
CA ALA A 103 -11.56 12.64 -14.05
C ALA A 103 -11.59 14.10 -14.47
N GLU A 104 -12.60 14.45 -15.28
CA GLU A 104 -12.73 15.84 -15.76
C GLU A 104 -12.79 16.88 -14.66
N HIS A 105 -13.31 16.52 -13.47
CA HIS A 105 -13.55 17.50 -12.39
C HIS A 105 -12.95 17.14 -11.03
N ASP A 106 -12.99 18.09 -10.11
CA ASP A 106 -12.61 17.85 -8.74
C ASP A 106 -13.24 18.89 -7.85
N LEU A 107 -13.20 18.64 -6.55
CA LEU A 107 -13.89 19.55 -5.64
C LEU A 107 -13.21 20.90 -5.42
N TRP A 108 -11.89 21.00 -5.62
CA TRP A 108 -11.23 22.31 -5.58
C TRP A 108 -11.83 23.24 -6.64
N HIS A 109 -11.90 22.75 -7.89
CA HIS A 109 -12.46 23.51 -9.00
C HIS A 109 -13.99 23.69 -8.92
N ILE A 110 -14.72 22.67 -8.46
CA ILE A 110 -16.18 22.78 -8.31
C ILE A 110 -16.54 23.82 -7.25
N ILE A 111 -15.96 23.71 -6.06
CA ILE A 111 -16.23 24.67 -4.98
C ILE A 111 -15.81 26.10 -5.37
N LYS A 112 -14.65 26.25 -5.99
CA LYS A 112 -14.16 27.55 -6.42
C LYS A 112 -15.04 28.19 -7.51
N PHE A 113 -15.69 27.36 -8.34
CA PHE A 113 -16.67 27.86 -9.32
C PHE A 113 -17.92 28.41 -8.64
N HIS A 114 -18.39 27.69 -7.61
CA HIS A 114 -19.54 28.14 -6.83
C HIS A 114 -19.20 29.38 -6.00
N ARG A 115 -18.00 29.42 -5.43
CA ARG A 115 -17.53 30.60 -4.71
C ARG A 115 -17.34 31.82 -5.63
N ALA A 116 -17.11 31.59 -6.93
CA ALA A 116 -17.05 32.68 -7.92
C ALA A 116 -18.38 33.43 -8.07
N SER A 117 -19.49 32.78 -7.69
CA SER A 117 -20.77 33.46 -7.49
C SER A 117 -20.87 33.92 -6.04
N VAL A 124 -24.98 31.27 -7.05
CA VAL A 124 -25.43 29.87 -6.94
C VAL A 124 -24.57 29.04 -5.96
N GLN A 125 -25.08 28.81 -4.74
CA GLN A 125 -24.48 27.85 -3.80
C GLN A 125 -24.79 26.42 -4.27
N LEU A 126 -23.93 25.47 -3.86
CA LEU A 126 -23.99 24.07 -4.31
C LEU A 126 -25.38 23.46 -4.04
N PRO A 127 -26.00 22.82 -5.07
CA PRO A 127 -27.30 22.18 -4.83
C PRO A 127 -27.26 21.12 -3.69
N ARG A 128 -28.33 21.05 -2.90
CA ARG A 128 -28.33 20.22 -1.69
C ARG A 128 -28.27 18.71 -1.97
N GLY A 129 -28.98 18.28 -3.04
CA GLY A 129 -28.87 16.91 -3.58
C GLY A 129 -27.44 16.47 -3.90
N MET A 130 -26.69 17.33 -4.60
CA MET A 130 -25.32 17.06 -5.03
C MET A 130 -24.37 16.98 -3.85
N VAL A 131 -24.55 17.87 -2.87
CA VAL A 131 -23.70 17.91 -1.68
C VAL A 131 -23.78 16.61 -0.88
N LYS A 132 -25.00 16.13 -0.67
CA LYS A 132 -25.21 14.89 0.05
C LYS A 132 -24.58 13.74 -0.70
N SER A 133 -24.77 13.70 -2.02
CA SER A 133 -24.20 12.60 -2.82
C SER A 133 -22.66 12.60 -2.77
N LEU A 134 -22.05 13.78 -2.88
CA LEU A 134 -20.60 13.92 -2.70
C LEU A 134 -20.14 13.36 -1.36
N LEU A 135 -20.74 13.85 -0.29
CA LEU A 135 -20.44 13.35 1.03
C LEU A 135 -20.60 11.84 1.14
N TYR A 136 -21.70 11.29 0.62
CA TYR A 136 -21.91 9.83 0.71
C TYR A 136 -20.79 9.04 0.01
N GLN A 137 -20.36 9.51 -1.16
CA GLN A 137 -19.34 8.78 -1.92
C GLN A 137 -17.92 8.96 -1.34
N ILE A 138 -17.65 10.12 -0.77
CA ILE A 138 -16.40 10.33 -0.04
C ILE A 138 -16.38 9.35 1.14
N LEU A 139 -17.48 9.30 1.88
CA LEU A 139 -17.59 8.39 3.03
C LEU A 139 -17.47 6.92 2.64
N ASP A 140 -18.02 6.56 1.49
CA ASP A 140 -18.00 5.18 1.00
C ASP A 140 -16.56 4.80 0.70
N GLY A 141 -15.88 5.67 -0.06
CA GLY A 141 -14.48 5.44 -0.43
C GLY A 141 -13.52 5.34 0.75
N ILE A 142 -13.71 6.22 1.74
CA ILE A 142 -12.88 6.24 2.94
C ILE A 142 -13.13 5.03 3.84
N HIS A 143 -14.38 4.63 3.96
CA HIS A 143 -14.73 3.39 4.66
C HIS A 143 -14.00 2.17 4.09
N TYR A 144 -13.93 2.11 2.77
CA TYR A 144 -13.25 0.98 2.10
C TYR A 144 -11.74 0.99 2.42
N LEU A 145 -11.13 2.16 2.35
CA LEU A 145 -9.71 2.33 2.70
C LEU A 145 -9.44 1.96 4.16
N HIS A 146 -10.23 2.55 5.05
CA HIS A 146 -10.15 2.31 6.49
C HIS A 146 -10.41 0.87 6.89
N ALA A 147 -11.40 0.23 6.28
CA ALA A 147 -11.61 -1.21 6.53
C ALA A 147 -10.37 -2.05 6.19
N ASN A 148 -9.59 -1.62 5.20
CA ASN A 148 -8.34 -2.27 4.80
C ASN A 148 -7.12 -1.70 5.52
N TRP A 149 -7.34 -0.97 6.61
CA TRP A 149 -6.28 -0.32 7.38
C TRP A 149 -5.37 0.62 6.56
N VAL A 150 -5.95 1.27 5.57
CA VAL A 150 -5.26 2.24 4.74
C VAL A 150 -5.80 3.62 5.09
N LEU A 151 -4.92 4.50 5.57
CA LEU A 151 -5.28 5.89 5.84
C LEU A 151 -4.97 6.76 4.62
N HIS A 152 -5.77 7.78 4.36
CA HIS A 152 -5.45 8.74 3.30
C HIS A 152 -4.38 9.74 3.75
N ARG A 153 -4.54 10.35 4.92
CA ARG A 153 -3.56 11.25 5.55
C ARG A 153 -3.37 12.63 4.90
N ASP A 154 -4.27 12.99 4.00
CA ASP A 154 -4.17 14.27 3.30
C ASP A 154 -5.44 14.61 2.56
N LEU A 155 -6.59 14.32 3.16
CA LEU A 155 -7.88 14.58 2.51
C LEU A 155 -8.18 16.08 2.37
N LYS A 156 -8.62 16.46 1.18
CA LYS A 156 -8.97 17.85 0.88
C LYS A 156 -9.69 17.91 -0.46
N PRO A 157 -10.36 19.04 -0.76
CA PRO A 157 -11.13 19.07 -2.01
C PRO A 157 -10.35 18.69 -3.28
N ALA A 158 -9.08 19.10 -3.38
CA ALA A 158 -8.30 18.82 -4.60
C ALA A 158 -7.98 17.33 -4.82
N ASN A 159 -8.08 16.53 -3.76
CA ASN A 159 -7.94 15.09 -3.82
C ASN A 159 -9.25 14.31 -3.95
N ILE A 160 -10.39 15.01 -4.02
CA ILE A 160 -11.68 14.43 -4.36
C ILE A 160 -11.98 14.74 -5.83
N LEU A 161 -11.67 13.79 -6.70
CA LEU A 161 -11.95 13.92 -8.13
C LEU A 161 -13.40 13.54 -8.39
N VAL A 162 -13.96 14.07 -9.48
CA VAL A 162 -15.29 13.70 -9.91
C VAL A 162 -15.26 13.49 -11.40
N MET A 163 -15.77 12.34 -11.83
CA MET A 163 -15.74 11.96 -13.24
C MET A 163 -16.71 12.80 -14.05
N GLY A 164 -16.30 13.10 -15.28
CA GLY A 164 -17.10 13.85 -16.23
C GLY A 164 -17.95 12.94 -17.11
N GLU A 165 -18.30 13.45 -18.28
CA GLU A 165 -19.18 12.73 -19.21
C GLU A 165 -18.52 11.42 -19.58
N GLY A 166 -19.31 10.34 -19.57
CA GLY A 166 -18.86 8.99 -19.92
C GLY A 166 -19.57 8.01 -19.00
N PRO A 167 -19.11 6.75 -18.98
CA PRO A 167 -19.77 5.71 -18.16
C PRO A 167 -19.88 5.96 -16.66
N GLU A 168 -19.03 6.82 -16.10
CA GLU A 168 -19.01 7.04 -14.63
C GLU A 168 -19.38 8.46 -14.23
N ARG A 169 -20.28 9.05 -15.02
CA ARG A 169 -20.72 10.42 -14.85
C ARG A 169 -21.05 10.71 -13.39
N GLY A 170 -20.40 11.74 -12.83
CA GLY A 170 -20.68 12.21 -11.49
C GLY A 170 -20.27 11.28 -10.36
N ARG A 171 -19.28 10.43 -10.59
CA ARG A 171 -18.83 9.53 -9.54
C ARG A 171 -17.54 10.08 -8.92
N VAL A 172 -17.52 10.14 -7.60
CA VAL A 172 -16.34 10.54 -6.86
C VAL A 172 -15.24 9.51 -7.07
N LYS A 173 -14.01 10.00 -7.26
CA LYS A 173 -12.79 9.20 -7.16
C LYS A 173 -11.79 9.87 -6.22
N ILE A 174 -11.58 9.26 -5.05
CA ILE A 174 -10.57 9.70 -4.13
C ILE A 174 -9.20 9.41 -4.73
N ALA A 175 -8.32 10.41 -4.68
CA ALA A 175 -7.02 10.37 -5.32
C ALA A 175 -5.91 10.79 -4.37
N ASP A 176 -4.69 10.52 -4.81
CA ASP A 176 -3.42 10.89 -4.17
C ASP A 176 -3.35 10.74 -2.66
N MET A 177 -3.52 9.50 -2.21
CA MET A 177 -3.41 9.16 -0.79
C MET A 177 -2.03 9.58 -0.31
N GLY A 178 -1.96 10.07 0.94
CA GLY A 178 -0.73 10.56 1.57
C GLY A 178 0.36 9.52 1.56
N PHE A 179 0.98 9.36 0.40
CA PHE A 179 2.04 8.43 0.17
C PHE A 179 3.31 9.27 0.26
N ALA A 180 4.20 9.02 1.20
CA ALA A 180 4.03 8.16 2.39
C ALA A 180 4.54 8.98 3.57
N ARG A 181 4.53 8.40 4.76
CA ARG A 181 5.03 9.08 5.98
C ARG A 181 5.88 8.11 6.80
N LEU A 182 7.14 8.49 7.06
CA LEU A 182 8.09 7.65 7.81
C LEU A 182 7.60 7.38 9.24
N PHE A 183 7.63 6.10 9.64
CA PHE A 183 7.06 5.61 10.93
C PHE A 183 5.54 5.90 11.15
N ASN A 184 4.78 6.06 10.05
CA ASN A 184 3.40 6.58 10.08
C ASN A 184 3.27 7.90 10.91
N SER A 185 4.29 8.76 10.82
CA SER A 185 4.45 9.99 11.65
C SER A 185 4.39 11.32 10.85
N PRO A 186 3.63 12.33 11.34
CA PRO A 186 3.72 13.69 10.77
C PRO A 186 4.92 14.56 11.26
N LEU A 187 5.64 14.13 12.32
CA LEU A 187 6.73 14.91 12.94
C LEU A 187 8.12 14.60 12.35
N VAL A 198 1.75 23.80 2.40
CA VAL A 198 1.50 24.92 3.32
C VAL A 198 0.02 24.98 3.83
N THR A 199 -0.90 24.23 3.21
CA THR A 199 -2.31 24.11 3.68
C THR A 199 -2.49 23.42 5.04
N PHE A 200 -2.97 24.15 6.05
CA PHE A 200 -3.37 23.54 7.33
C PHE A 200 -4.89 23.51 7.58
N TRP A 201 -5.70 23.85 6.59
CA TRP A 201 -7.15 24.05 6.85
C TRP A 201 -7.97 22.79 7.14
N TYR A 202 -7.45 21.62 6.79
CA TYR A 202 -8.21 20.35 6.90
C TYR A 202 -7.62 19.43 7.95
N ARG A 203 -6.68 19.94 8.74
CA ARG A 203 -5.95 19.16 9.74
C ARG A 203 -6.64 19.24 11.08
N ALA A 204 -6.89 18.07 11.66
CA ALA A 204 -7.49 17.89 12.96
C ALA A 204 -6.74 18.58 14.10
N PRO A 205 -7.46 19.07 15.12
CA PRO A 205 -6.75 19.73 16.22
C PRO A 205 -5.62 18.91 16.80
N GLU A 206 -5.79 17.59 16.89
CA GLU A 206 -4.77 16.74 17.51
C GLU A 206 -3.42 16.75 16.76
N LEU A 207 -3.44 16.80 15.43
CA LEU A 207 -2.20 17.01 14.66
C LEU A 207 -1.52 18.35 15.03
N LEU A 208 -2.31 19.40 15.06
CA LEU A 208 -1.83 20.71 15.45
C LEU A 208 -1.32 20.70 16.89
N LEU A 209 -1.84 19.80 17.73
CA LEU A 209 -1.30 19.64 19.09
C LEU A 209 -0.15 18.62 19.25
N GLY A 210 0.41 18.17 18.12
CA GLY A 210 1.62 17.34 18.10
C GLY A 210 1.38 15.85 18.21
N ALA A 211 0.20 15.38 17.78
CA ALA A 211 -0.08 13.95 17.67
C ALA A 211 0.98 13.30 16.79
N ARG A 212 1.46 12.14 17.24
CA ARG A 212 2.64 11.49 16.67
C ARG A 212 2.35 10.41 15.61
N HIS A 213 1.06 10.16 15.31
CA HIS A 213 0.64 9.17 14.32
C HIS A 213 -0.63 9.60 13.61
N TYR A 214 -0.78 9.22 12.33
CA TYR A 214 -2.05 9.38 11.64
C TYR A 214 -3.03 8.31 12.07
N THR A 215 -4.31 8.64 12.02
CA THR A 215 -5.38 7.79 12.52
C THR A 215 -6.59 7.91 11.58
N LYS A 216 -7.51 6.99 11.75
CA LYS A 216 -8.74 7.05 10.99
C LYS A 216 -9.50 8.33 11.31
N ALA A 217 -9.54 8.70 12.58
CA ALA A 217 -10.24 9.92 13.03
C ALA A 217 -9.73 11.21 12.36
N ILE A 218 -8.44 11.27 12.01
CA ILE A 218 -7.87 12.45 11.34
C ILE A 218 -8.46 12.61 9.93
N ASP A 219 -8.59 11.49 9.21
CA ASP A 219 -9.26 11.52 7.93
C ASP A 219 -10.69 12.00 8.09
N ILE A 220 -11.38 11.51 9.11
CA ILE A 220 -12.78 11.86 9.35
C ILE A 220 -12.93 13.36 9.59
N TRP A 221 -12.00 13.96 10.33
CA TRP A 221 -11.98 15.43 10.50
C TRP A 221 -11.93 16.17 9.16
N ALA A 222 -11.03 15.74 8.29
CA ALA A 222 -10.93 16.37 6.99
C ALA A 222 -12.25 16.27 6.25
N ILE A 223 -12.95 15.14 6.40
CA ILE A 223 -14.23 14.97 5.68
C ILE A 223 -15.29 15.95 6.17
N GLY A 224 -15.37 16.15 7.49
CA GLY A 224 -16.22 17.19 8.04
C GLY A 224 -15.91 18.58 7.48
N CYS A 225 -14.61 18.91 7.38
CA CYS A 225 -14.17 20.18 6.80
C CYS A 225 -14.72 20.32 5.38
N ILE A 226 -14.55 19.27 4.60
CA ILE A 226 -15.01 19.26 3.22
C ILE A 226 -16.52 19.46 3.13
N PHE A 227 -17.25 18.74 3.97
CA PHE A 227 -18.70 18.81 4.04
C PHE A 227 -19.14 20.22 4.38
N ALA A 228 -18.48 20.86 5.33
CA ALA A 228 -18.79 22.26 5.63
C ALA A 228 -18.50 23.18 4.44
N GLU A 229 -17.40 22.92 3.75
CA GLU A 229 -17.02 23.70 2.56
C GLU A 229 -18.02 23.51 1.43
N LEU A 230 -18.57 22.30 1.27
CA LEU A 230 -19.67 22.08 0.28
C LEU A 230 -20.97 22.82 0.59
N LEU A 231 -21.33 22.92 1.86
CA LEU A 231 -22.57 23.56 2.26
C LEU A 231 -22.54 25.10 2.18
N THR A 232 -21.37 25.70 2.38
CA THR A 232 -21.18 27.15 2.47
C THR A 232 -20.41 27.77 1.30
N SER A 233 -19.57 26.95 0.65
CA SER A 233 -18.61 27.35 -0.40
C SER A 233 -17.36 28.04 0.16
N GLU A 234 -17.23 28.05 1.49
CA GLU A 234 -16.12 28.67 2.20
C GLU A 234 -15.39 27.56 2.95
N PRO A 235 -14.04 27.59 3.00
CA PRO A 235 -13.36 26.63 3.87
C PRO A 235 -13.58 27.03 5.35
N ILE A 236 -14.17 26.10 6.11
CA ILE A 236 -14.59 26.39 7.49
C ILE A 236 -13.44 26.87 8.39
N PHE A 237 -12.24 26.34 8.17
CA PHE A 237 -11.08 26.72 8.95
C PHE A 237 -10.02 27.46 8.13
N HIS A 238 -10.48 28.30 7.20
CA HIS A 238 -9.61 29.16 6.42
C HIS A 238 -8.71 29.96 7.33
N CYS A 239 -7.45 30.09 6.95
CA CYS A 239 -6.46 30.80 7.74
C CYS A 239 -5.28 31.24 6.87
N ARG A 240 -4.47 32.19 7.34
CA ARG A 240 -3.31 32.74 6.57
C ARG A 240 -2.17 31.73 6.37
N GLN A 241 -1.11 32.14 5.67
CA GLN A 241 0.08 31.29 5.45
C GLN A 241 0.82 30.91 6.75
N PRO A 249 4.61 21.37 13.34
CA PRO A 249 3.28 20.85 13.70
C PRO A 249 2.36 21.92 14.30
N TYR A 250 2.69 22.42 15.49
CA TYR A 250 1.93 23.46 16.19
C TYR A 250 1.87 24.75 15.41
N HIS A 251 0.69 25.11 14.93
CA HIS A 251 0.43 26.38 14.25
C HIS A 251 -0.64 27.14 15.06
N HIS A 252 -0.26 28.28 15.63
CA HIS A 252 -1.12 29.02 16.55
C HIS A 252 -2.39 29.54 15.89
N ASP A 253 -2.23 30.24 14.77
CA ASP A 253 -3.35 30.87 14.06
C ASP A 253 -4.36 29.89 13.52
N GLN A 254 -3.90 28.70 13.14
CA GLN A 254 -4.79 27.67 12.66
C GLN A 254 -5.67 27.19 13.82
N LEU A 255 -5.06 27.01 14.99
CA LEU A 255 -5.79 26.68 16.20
C LEU A 255 -6.76 27.80 16.61
N ASP A 256 -6.29 29.04 16.63
CA ASP A 256 -7.18 30.19 16.84
C ASP A 256 -8.44 30.18 15.96
N ARG A 257 -8.29 29.78 14.70
CA ARG A 257 -9.41 29.73 13.76
C ARG A 257 -10.38 28.61 14.12
N ILE A 258 -9.86 27.45 14.48
CA ILE A 258 -10.71 26.34 14.91
C ILE A 258 -11.55 26.75 16.12
N PHE A 259 -10.94 27.42 17.09
CA PHE A 259 -11.65 27.85 18.29
C PHE A 259 -12.65 28.98 18.02
N ASN A 260 -12.32 29.91 17.12
CA ASN A 260 -13.30 30.93 16.69
C ASN A 260 -14.54 30.32 16.03
N VAL A 261 -14.39 29.17 15.38
CA VAL A 261 -15.54 28.45 14.83
C VAL A 261 -16.21 27.56 15.88
N MET A 262 -15.41 26.71 16.52
CA MET A 262 -15.93 25.61 17.35
C MET A 262 -16.13 25.97 18.82
N GLY A 263 -15.52 27.05 19.29
CA GLY A 263 -15.37 27.27 20.73
C GLY A 263 -14.13 26.54 21.25
N PHE A 264 -13.78 26.84 22.49
CA PHE A 264 -12.63 26.22 23.14
C PHE A 264 -13.16 24.99 23.86
N PRO A 265 -12.53 23.81 23.66
CA PRO A 265 -13.06 22.58 24.25
C PRO A 265 -12.95 22.61 25.77
N ALA A 266 -14.04 22.28 26.44
CA ALA A 266 -14.03 22.14 27.89
C ALA A 266 -13.27 20.87 28.23
N ASP A 267 -12.83 20.78 29.48
CA ASP A 267 -12.17 19.56 30.01
C ASP A 267 -12.98 18.31 29.69
N LYS A 268 -14.30 18.37 29.97
CA LYS A 268 -15.26 17.26 29.70
C LYS A 268 -15.40 16.85 28.21
N ASP A 269 -15.22 17.79 27.27
CA ASP A 269 -15.30 17.51 25.82
C ASP A 269 -14.10 16.73 25.25
N TRP A 270 -12.92 16.94 25.84
CA TRP A 270 -11.68 16.27 25.37
C TRP A 270 -10.75 16.03 26.55
N GLU A 271 -11.02 14.97 27.31
CA GLU A 271 -10.29 14.66 28.56
C GLU A 271 -8.79 14.36 28.42
N ASP A 272 -8.43 13.68 27.33
CA ASP A 272 -7.03 13.35 27.01
C ASP A 272 -6.24 14.46 26.32
N ILE A 273 -6.79 15.67 26.23
CA ILE A 273 -6.08 16.81 25.62
C ILE A 273 -4.78 17.10 26.41
N LYS A 274 -4.83 16.93 27.73
CA LYS A 274 -3.66 17.01 28.62
C LYS A 274 -2.51 16.07 28.23
N LYS A 275 -2.82 14.92 27.63
CA LYS A 275 -1.80 13.98 27.12
C LYS A 275 -1.06 14.44 25.84
N MET A 276 -1.57 15.45 25.15
CA MET A 276 -0.95 15.93 23.90
C MET A 276 0.36 16.66 24.17
N PRO A 277 1.39 16.45 23.33
CA PRO A 277 2.73 17.03 23.65
C PRO A 277 2.75 18.56 23.71
N GLU A 278 1.95 19.18 22.85
CA GLU A 278 1.83 20.64 22.78
C GLU A 278 0.73 21.23 23.70
N HIS A 279 0.23 20.45 24.67
CA HIS A 279 -0.84 20.96 25.52
C HIS A 279 -0.40 22.14 26.38
N SER A 280 0.76 22.06 27.02
CA SER A 280 1.19 23.16 27.88
C SER A 280 1.50 24.45 27.10
N THR A 281 1.91 24.31 25.85
CA THR A 281 2.03 25.43 24.93
C THR A 281 0.66 26.10 24.62
N LEU A 282 -0.36 25.28 24.38
CA LEU A 282 -1.76 25.72 24.22
C LEU A 282 -2.29 26.51 25.40
N MET A 283 -1.96 26.10 26.61
CA MET A 283 -2.37 26.81 27.81
C MET A 283 -1.64 28.15 27.94
N LYS A 284 -0.36 28.18 27.56
CA LYS A 284 0.43 29.40 27.61
C LYS A 284 -0.15 30.45 26.66
N ASP A 285 -0.56 30.02 25.46
CA ASP A 285 -0.93 30.94 24.39
C ASP A 285 -2.42 31.30 24.37
N PHE A 286 -3.28 30.47 24.95
CA PHE A 286 -4.74 30.63 24.80
C PHE A 286 -5.55 30.66 26.10
N ARG A 287 -6.63 31.44 26.09
CA ARG A 287 -7.58 31.48 27.19
C ARG A 287 -8.97 31.11 26.69
N ARG A 288 -9.61 30.19 27.40
CA ARG A 288 -11.01 29.79 27.16
C ARG A 288 -11.95 30.96 26.86
N ASN A 289 -11.88 31.99 27.71
CA ASN A 289 -12.81 33.11 27.66
C ASN A 289 -12.81 33.93 26.37
N THR A 290 -11.73 33.86 25.60
CA THR A 290 -11.68 34.48 24.30
C THR A 290 -12.78 33.95 23.36
N TYR A 291 -13.11 32.67 23.47
CA TYR A 291 -14.02 31.99 22.52
C TYR A 291 -15.41 31.68 23.14
N THR A 292 -15.86 32.50 24.09
CA THR A 292 -17.07 32.20 24.89
C THR A 292 -18.39 32.23 24.10
N ASN A 293 -18.54 33.15 23.15
CA ASN A 293 -19.75 33.21 22.30
C ASN A 293 -19.49 32.60 20.91
N CYS A 294 -18.66 31.55 20.87
CA CYS A 294 -18.26 30.85 19.63
C CYS A 294 -18.67 29.39 19.70
N SER A 295 -19.35 28.93 18.65
CA SER A 295 -19.81 27.53 18.54
C SER A 295 -20.13 27.17 17.06
N LEU A 296 -20.03 25.89 16.73
CA LEU A 296 -20.38 25.44 15.37
C LEU A 296 -21.79 25.88 14.96
N ILE A 297 -22.72 25.87 15.91
CA ILE A 297 -24.09 26.36 15.68
C ILE A 297 -24.09 27.79 15.11
N LYS A 298 -23.39 28.70 15.79
CA LYS A 298 -23.40 30.12 15.40
C LYS A 298 -22.65 30.36 14.12
N TYR A 299 -21.53 29.67 13.91
CA TYR A 299 -20.86 29.72 12.59
C TYR A 299 -21.82 29.32 11.45
N MET A 300 -22.43 28.14 11.54
CA MET A 300 -23.25 27.62 10.43
C MET A 300 -24.54 28.41 10.17
N GLU A 301 -25.10 29.03 11.20
CA GLU A 301 -26.28 29.91 11.06
C GLU A 301 -25.96 31.18 10.26
N LYS A 302 -24.75 31.70 10.40
CA LYS A 302 -24.30 32.84 9.59
C LYS A 302 -24.15 32.50 8.09
N HIS A 303 -23.96 31.22 7.79
CA HIS A 303 -23.91 30.71 6.42
C HIS A 303 -25.20 30.01 6.01
N LYS A 304 -26.30 30.37 6.68
CA LYS A 304 -27.67 29.98 6.31
C LYS A 304 -27.89 28.46 6.18
N VAL A 305 -27.33 27.74 7.15
CA VAL A 305 -27.52 26.30 7.33
C VAL A 305 -28.16 26.12 8.71
N LYS A 306 -29.25 25.37 8.76
CA LYS A 306 -30.09 25.30 9.97
C LYS A 306 -29.47 24.34 11.01
N PRO A 307 -29.38 24.76 12.29
CA PRO A 307 -28.82 23.89 13.32
C PRO A 307 -29.70 22.71 13.75
N ASP A 308 -30.99 22.74 13.41
CA ASP A 308 -31.85 21.58 13.63
C ASP A 308 -31.91 20.64 12.40
N SER A 309 -31.14 20.94 11.35
CA SER A 309 -31.06 20.04 10.20
C SER A 309 -30.23 18.80 10.50
N LYS A 310 -30.56 17.71 9.83
CA LYS A 310 -29.80 16.47 9.89
C LYS A 310 -28.42 16.64 9.30
N ALA A 311 -28.32 17.49 8.29
CA ALA A 311 -27.03 17.96 7.78
C ALA A 311 -26.14 18.46 8.91
N PHE A 312 -26.65 19.39 9.70
CA PHE A 312 -25.85 20.01 10.74
C PHE A 312 -25.44 18.99 11.80
N HIS A 313 -26.42 18.24 12.31
CA HIS A 313 -26.14 17.22 13.32
C HIS A 313 -25.07 16.20 12.84
N LEU A 314 -25.08 15.85 11.55
CA LEU A 314 -24.05 14.94 11.01
C LEU A 314 -22.71 15.67 10.99
N LEU A 315 -22.73 16.89 10.45
CA LEU A 315 -21.52 17.73 10.40
C LEU A 315 -20.85 17.84 11.77
N GLN A 316 -21.66 18.00 12.83
CA GLN A 316 -21.14 18.23 14.19
C GLN A 316 -20.43 16.99 14.75
N LYS A 317 -20.98 15.83 14.42
CA LYS A 317 -20.37 14.57 14.80
C LYS A 317 -19.05 14.34 14.06
N LEU A 318 -19.00 14.73 12.80
CA LEU A 318 -17.73 14.72 12.05
C LEU A 318 -16.69 15.72 12.62
N LEU A 319 -17.13 16.91 12.97
CA LEU A 319 -16.25 17.93 13.51
C LEU A 319 -16.22 17.93 15.03
N THR A 320 -15.97 16.76 15.60
CA THR A 320 -15.80 16.61 17.04
C THR A 320 -14.32 16.76 17.33
N MET A 321 -14.04 17.50 18.39
CA MET A 321 -12.66 17.91 18.68
C MET A 321 -11.81 16.75 19.17
N ASP A 322 -12.37 15.96 20.08
CA ASP A 322 -11.65 14.85 20.68
C ASP A 322 -11.74 13.69 19.69
N PRO A 323 -10.59 13.21 19.18
CA PRO A 323 -10.65 12.19 18.15
C PRO A 323 -11.40 10.91 18.55
N ILE A 324 -11.36 10.53 19.83
CA ILE A 324 -12.09 9.33 20.28
C ILE A 324 -13.64 9.50 20.27
N LYS A 325 -14.12 10.75 20.25
CA LYS A 325 -15.56 11.08 20.15
C LYS A 325 -16.04 11.47 18.73
N ARG A 326 -15.21 11.26 17.72
CA ARG A 326 -15.57 11.53 16.32
C ARG A 326 -16.22 10.24 15.83
N ILE A 327 -17.31 10.32 15.06
CA ILE A 327 -17.87 9.06 14.48
C ILE A 327 -16.96 8.52 13.38
N THR A 328 -17.15 7.23 13.08
CA THR A 328 -16.36 6.54 12.07
C THR A 328 -17.03 6.79 10.76
N SER A 329 -16.38 6.37 9.69
CA SER A 329 -16.96 6.45 8.38
C SER A 329 -18.24 5.60 8.30
N GLU A 330 -18.23 4.39 8.85
CA GLU A 330 -19.39 3.51 8.73
C GLU A 330 -20.61 4.10 9.45
N GLN A 331 -20.41 4.67 10.63
CA GLN A 331 -21.52 5.28 11.36
C GLN A 331 -22.11 6.47 10.63
N ALA A 332 -21.24 7.25 10.00
CA ALA A 332 -21.68 8.39 9.20
C ALA A 332 -22.51 7.97 8.00
N MET A 333 -22.16 6.85 7.37
CA MET A 333 -22.95 6.33 6.24
C MET A 333 -24.35 5.89 6.68
N GLN A 334 -24.47 5.45 7.93
CA GLN A 334 -25.75 5.03 8.51
C GLN A 334 -26.61 6.19 9.00
N ASP A 335 -26.11 7.42 8.91
CA ASP A 335 -26.77 8.58 9.50
C ASP A 335 -28.10 8.82 8.81
N PRO A 336 -29.12 9.25 9.56
CA PRO A 336 -30.41 9.46 8.93
C PRO A 336 -30.46 10.61 7.89
N TYR A 337 -29.44 11.46 7.87
CA TYR A 337 -29.26 12.44 6.78
C TYR A 337 -29.41 11.83 5.37
N PHE A 338 -28.84 10.65 5.19
CA PHE A 338 -28.89 9.93 3.92
C PHE A 338 -30.20 9.21 3.62
N LEU A 339 -31.08 9.10 4.62
CA LEU A 339 -32.47 8.64 4.43
C LEU A 339 -33.53 9.77 4.25
N GLU A 340 -33.17 11.00 4.58
CA GLU A 340 -34.03 12.18 4.35
C GLU A 340 -34.00 12.52 2.85
N ASP A 341 -35.15 12.88 2.30
CA ASP A 341 -35.22 13.41 0.93
C ASP A 341 -34.27 14.63 0.76
N PRO A 342 -33.52 14.71 -0.34
CA PRO A 342 -33.35 13.78 -1.46
C PRO A 342 -32.33 12.71 -1.13
N LEU A 343 -32.50 11.51 -1.69
CA LEU A 343 -31.51 10.44 -1.51
C LEU A 343 -30.25 10.76 -2.29
N PRO A 344 -29.08 10.32 -1.79
CA PRO A 344 -27.90 10.39 -2.63
C PRO A 344 -28.05 9.59 -3.91
N THR A 345 -27.34 10.02 -4.96
CA THR A 345 -27.32 9.34 -6.27
C THR A 345 -25.92 8.96 -6.67
N SER A 346 -25.79 7.95 -7.51
CA SER A 346 -24.52 7.46 -8.07
C SER A 346 -23.83 8.51 -8.92
N ASP A 347 -24.64 9.29 -9.63
CA ASP A 347 -24.24 10.46 -10.39
C ASP A 347 -24.52 11.64 -9.50
N VAL A 348 -23.45 12.22 -8.99
CA VAL A 348 -23.47 13.44 -8.18
C VAL A 348 -24.20 14.62 -8.85
N PHE A 349 -24.15 14.69 -10.18
CA PHE A 349 -24.86 15.73 -10.95
C PHE A 349 -26.35 15.43 -11.25
N ALA A 350 -26.80 14.22 -10.91
CA ALA A 350 -28.23 13.83 -10.90
C ALA A 350 -28.91 13.91 -12.27
N GLY A 351 -28.18 13.53 -13.32
CA GLY A 351 -28.67 13.67 -14.70
C GLY A 351 -28.74 15.09 -15.27
N CYS A 352 -28.46 16.12 -14.46
CA CYS A 352 -28.48 17.52 -14.91
C CYS A 352 -27.20 17.84 -15.69
N GLN A 353 -27.25 18.85 -16.55
CA GLN A 353 -26.08 19.31 -17.30
C GLN A 353 -24.96 19.80 -16.35
N ILE A 354 -23.71 19.55 -16.72
CA ILE A 354 -22.52 19.93 -15.92
C ILE A 354 -22.07 21.33 -16.35
N PRO A 355 -22.17 22.34 -15.46
CA PRO A 355 -21.82 23.71 -15.84
C PRO A 355 -20.35 24.07 -15.62
N TYR A 356 -19.60 23.15 -15.00
CA TYR A 356 -18.23 23.42 -14.58
C TYR A 356 -17.32 23.31 -15.78
N PRO A 357 -16.41 24.28 -15.97
CA PRO A 357 -15.51 24.19 -17.13
C PRO A 357 -14.54 23.00 -17.04
N LYS A 358 -14.13 22.53 -18.21
CA LYS A 358 -13.14 21.47 -18.35
C LYS A 358 -11.77 22.00 -17.89
N ARG A 359 -10.82 21.10 -17.66
CA ARG A 359 -9.48 21.47 -17.18
C ARG A 359 -8.73 22.24 -18.26
N GLU A 360 -8.14 23.36 -17.86
CA GLU A 360 -7.22 24.08 -18.74
C GLU A 360 -5.87 23.34 -18.72
N PHE A 361 -5.23 23.25 -19.88
CA PHE A 361 -3.84 22.78 -19.99
C PHE A 361 -2.86 23.85 -19.52
N LEU A 362 -1.61 23.46 -19.24
CA LEU A 362 -0.56 24.38 -18.78
C LEU A 362 0.45 24.72 -19.88
N LYS B 1 -2.45 -3.55 9.96
CA LYS B 1 -1.60 -3.54 8.73
C LYS B 1 -2.42 -3.54 7.40
N ALA B 2 -1.91 -2.77 6.43
CA ALA B 2 -2.55 -2.55 5.13
C ALA B 2 -3.00 -3.82 4.36
N MET B 3 -4.29 -3.91 4.07
CA MET B 3 -4.96 -4.96 3.25
C MET B 3 -5.16 -6.33 3.95
N ALA B 4 -5.14 -6.35 5.27
CA ALA B 4 -5.09 -7.59 6.05
C ALA B 4 -6.21 -8.62 5.76
N GLY B 5 -7.44 -8.16 5.64
CA GLY B 5 -8.58 -9.06 5.37
C GLY B 5 -8.93 -9.32 3.89
N ASN B 6 -8.08 -8.85 2.98
CA ASN B 6 -8.39 -8.79 1.55
C ASN B 6 -7.68 -9.87 0.73
N PHE B 7 -7.24 -10.95 1.37
CA PHE B 7 -6.52 -12.00 0.66
C PHE B 7 -7.27 -12.54 -0.56
N TRP B 8 -8.56 -12.78 -0.38
CA TRP B 8 -9.41 -13.37 -1.43
C TRP B 8 -9.67 -12.50 -2.65
N GLN B 9 -9.42 -11.19 -2.55
CA GLN B 9 -9.44 -10.31 -3.72
C GLN B 9 -8.05 -9.74 -4.02
N SER B 10 -6.99 -10.35 -3.48
CA SER B 10 -5.63 -9.81 -3.59
C SER B 10 -4.92 -10.26 -4.84
N SER B 11 -3.88 -9.52 -5.23
CA SER B 11 -3.03 -9.90 -6.35
C SER B 11 -2.26 -11.19 -6.02
N HIS B 12 -1.87 -11.35 -4.76
CA HIS B 12 -1.29 -12.60 -4.29
C HIS B 12 -2.20 -13.78 -4.65
N TYR B 13 -3.45 -13.76 -4.21
CA TYR B 13 -4.39 -14.86 -4.51
C TYR B 13 -4.71 -15.01 -6.00
N LEU B 14 -5.02 -13.90 -6.66
CA LEU B 14 -5.49 -13.92 -8.05
C LEU B 14 -4.39 -14.12 -9.10
N GLN B 15 -3.15 -13.74 -8.81
CA GLN B 15 -2.03 -13.89 -9.77
C GLN B 15 -0.86 -14.76 -9.36
N TRP B 16 -0.62 -14.90 -8.05
CA TRP B 16 0.61 -15.51 -7.55
C TRP B 16 0.44 -16.76 -6.68
N ILE B 17 -0.73 -17.36 -6.71
CA ILE B 17 -0.91 -18.77 -6.37
C ILE B 17 -0.91 -19.51 -7.70
N LEU B 18 0.08 -20.37 -7.87
CA LEU B 18 0.43 -20.93 -9.18
C LEU B 18 -0.04 -22.37 -9.27
N ASP B 19 -0.22 -22.85 -10.50
CA ASP B 19 -0.42 -24.28 -10.72
C ASP B 19 0.94 -24.96 -10.60
N LYS B 20 1.00 -26.04 -9.84
CA LYS B 20 2.25 -26.82 -9.63
C LYS B 20 2.84 -27.35 -10.96
N GLN B 21 1.98 -27.77 -11.87
CA GLN B 21 2.42 -28.33 -13.15
C GLN B 21 2.98 -27.24 -14.06
N ASP B 22 2.35 -26.07 -14.06
CA ASP B 22 2.90 -24.90 -14.75
C ASP B 22 4.28 -24.54 -14.19
N LEU B 23 4.42 -24.60 -12.87
CA LEU B 23 5.68 -24.29 -12.21
C LEU B 23 6.79 -25.21 -12.73
N LEU B 24 6.55 -26.51 -12.64
CA LEU B 24 7.55 -27.48 -13.07
C LEU B 24 7.88 -27.44 -14.57
N LYS B 25 6.91 -27.10 -15.43
CA LYS B 25 7.20 -26.95 -16.88
C LYS B 25 8.21 -25.81 -17.16
N GLU B 26 7.99 -24.66 -16.55
CA GLU B 26 8.94 -23.55 -16.62
C GLU B 26 10.30 -23.88 -16.01
N ARG B 27 10.32 -24.78 -15.03
CA ARG B 27 11.57 -25.21 -14.39
C ARG B 27 12.44 -26.12 -15.26
N GLN B 28 11.84 -26.78 -16.27
CA GLN B 28 12.59 -27.68 -17.16
C GLN B 28 13.77 -27.02 -17.89
N LYS B 29 13.63 -25.73 -18.24
CA LYS B 29 14.74 -24.94 -18.82
C LYS B 29 16.04 -25.11 -18.00
N ASP B 30 15.92 -24.89 -16.68
CA ASP B 30 17.05 -25.01 -15.75
C ASP B 30 17.46 -26.43 -15.40
N LEU B 31 16.53 -27.38 -15.51
CA LEU B 31 16.82 -28.80 -15.23
C LEU B 31 17.71 -29.51 -16.28
N LYS B 32 18.00 -28.86 -17.40
CA LYS B 32 19.01 -29.37 -18.36
C LYS B 32 20.44 -29.27 -17.79
N PHE B 33 20.65 -28.37 -16.81
CA PHE B 33 21.95 -28.19 -16.17
C PHE B 33 22.00 -28.78 -14.76
N LEU B 34 20.89 -28.69 -14.04
CA LEU B 34 20.79 -29.12 -12.64
C LEU B 34 19.79 -30.25 -12.53
N SER B 35 20.04 -31.17 -11.60
CA SER B 35 19.06 -32.20 -11.25
C SER B 35 17.98 -31.53 -10.41
N GLU B 36 16.85 -32.21 -10.26
CA GLU B 36 15.79 -31.77 -9.34
C GLU B 36 16.38 -31.50 -7.95
N GLU B 37 17.14 -32.48 -7.47
CA GLU B 37 17.82 -32.43 -6.18
C GLU B 37 18.65 -31.16 -6.02
N GLU B 38 19.49 -30.88 -7.00
CA GLU B 38 20.35 -29.70 -6.96
C GLU B 38 19.59 -28.38 -7.09
N TYR B 39 18.44 -28.42 -7.77
CA TYR B 39 17.60 -27.24 -7.88
C TYR B 39 17.00 -26.87 -6.54
N TRP B 40 16.45 -27.85 -5.80
CA TRP B 40 15.91 -27.55 -4.46
C TRP B 40 16.99 -27.15 -3.44
N LYS B 41 18.20 -27.66 -3.63
CA LYS B 41 19.35 -27.23 -2.82
C LYS B 41 19.74 -25.77 -3.05
N LEU B 42 19.73 -25.32 -4.31
CA LEU B 42 19.89 -23.90 -4.61
C LEU B 42 18.84 -23.05 -3.95
N GLN B 43 17.58 -23.50 -4.01
CA GLN B 43 16.49 -22.75 -3.39
C GLN B 43 16.65 -22.60 -1.86
N ILE B 44 17.01 -23.68 -1.19
CA ILE B 44 17.33 -23.64 0.22
C ILE B 44 18.48 -22.64 0.50
N PHE B 45 19.56 -22.81 -0.24
CA PHE B 45 20.72 -21.95 -0.12
C PHE B 45 20.36 -20.48 -0.22
N PHE B 46 19.65 -20.07 -1.28
CA PHE B 46 19.32 -18.64 -1.44
C PHE B 46 18.27 -18.16 -0.45
N THR B 47 17.46 -19.07 0.06
CA THR B 47 16.57 -18.77 1.15
C THR B 47 17.40 -18.37 2.37
N ASN B 48 18.43 -19.13 2.69
CA ASN B 48 19.35 -18.80 3.77
C ASN B 48 20.13 -17.52 3.54
N VAL B 49 20.50 -17.25 2.29
CA VAL B 49 21.17 -16.00 1.96
C VAL B 49 20.29 -14.80 2.29
N ILE B 50 19.06 -14.85 1.83
CA ILE B 50 18.11 -13.77 2.09
C ILE B 50 17.88 -13.56 3.61
N GLN B 51 17.79 -14.67 4.35
CA GLN B 51 17.65 -14.66 5.80
C GLN B 51 18.82 -13.89 6.44
N ALA B 52 20.03 -14.25 6.03
CA ALA B 52 21.23 -13.65 6.56
C ALA B 52 21.31 -12.15 6.26
N LEU B 53 21.04 -11.78 5.00
CA LEU B 53 20.97 -10.34 4.64
C LEU B 53 19.97 -9.60 5.54
N GLY B 54 18.84 -10.23 5.80
CA GLY B 54 17.80 -9.65 6.60
C GLY B 54 18.16 -9.47 8.05
N GLU B 55 18.72 -10.51 8.66
CA GLU B 55 19.16 -10.45 10.06
C GLU B 55 20.22 -9.36 10.22
N HIS B 56 21.16 -9.32 9.29
CA HIS B 56 22.24 -8.33 9.32
C HIS B 56 21.71 -6.88 9.26
N LEU B 57 20.69 -6.66 8.42
CA LEU B 57 20.04 -5.36 8.33
C LEU B 57 19.03 -5.05 9.44
N LYS B 58 18.77 -6.02 10.32
CA LYS B 58 17.83 -5.87 11.45
C LYS B 58 16.39 -5.62 10.97
N LEU B 59 15.98 -6.36 9.95
CA LEU B 59 14.62 -6.32 9.44
C LEU B 59 13.80 -7.41 10.12
N ARG B 60 12.50 -7.16 10.29
CA ARG B 60 11.55 -8.14 10.85
C ARG B 60 11.35 -9.33 9.91
N GLN B 61 10.92 -10.46 10.48
CA GLN B 61 10.75 -11.68 9.70
C GLN B 61 9.85 -11.51 8.49
N GLN B 62 8.83 -10.66 8.62
CA GLN B 62 7.85 -10.43 7.56
C GLN B 62 8.48 -9.77 6.32
N VAL B 63 9.46 -8.89 6.55
CA VAL B 63 10.19 -8.21 5.47
C VAL B 63 11.05 -9.22 4.71
N ILE B 64 11.74 -10.05 5.48
CA ILE B 64 12.56 -11.13 4.97
C ILE B 64 11.69 -12.09 4.17
N ALA B 65 10.50 -12.37 4.68
CA ALA B 65 9.59 -13.30 4.03
C ALA B 65 9.06 -12.74 2.72
N THR B 66 8.64 -11.49 2.74
CA THR B 66 8.26 -10.81 1.50
C THR B 66 9.38 -10.81 0.50
N ALA B 67 10.60 -10.51 0.95
CA ALA B 67 11.77 -10.54 0.05
C ALA B 67 11.97 -11.93 -0.54
N THR B 68 11.82 -12.95 0.30
CA THR B 68 12.01 -14.32 -0.12
C THR B 68 11.01 -14.67 -1.20
N VAL B 69 9.78 -14.21 -1.05
CA VAL B 69 8.69 -14.49 -2.01
C VAL B 69 8.97 -13.84 -3.38
N TYR B 70 9.46 -12.60 -3.38
CA TYR B 70 9.84 -11.88 -4.61
C TYR B 70 10.91 -12.68 -5.38
N PHE B 71 11.89 -13.19 -4.66
CA PHE B 71 12.96 -13.99 -5.26
C PHE B 71 12.35 -15.23 -5.92
N LYS B 72 11.47 -15.93 -5.22
CA LYS B 72 10.79 -17.14 -5.74
C LYS B 72 9.88 -16.87 -6.94
N ARG B 73 9.14 -15.77 -6.87
CA ARG B 73 8.30 -15.38 -7.99
C ARG B 73 9.10 -15.15 -9.25
N PHE B 74 10.25 -14.50 -9.10
CA PHE B 74 11.08 -14.19 -10.26
C PHE B 74 11.61 -15.45 -10.92
N TYR B 75 12.23 -16.32 -10.13
CA TYR B 75 12.76 -17.57 -10.66
C TYR B 75 11.70 -18.66 -10.95
N ALA B 76 10.46 -18.45 -10.53
CA ALA B 76 9.34 -19.27 -11.01
C ALA B 76 9.05 -19.09 -12.51
N ARG B 77 9.21 -17.86 -13.00
CA ARG B 77 9.03 -17.53 -14.41
C ARG B 77 10.34 -17.67 -15.16
N TYR B 78 11.42 -17.12 -14.60
CA TYR B 78 12.68 -16.95 -15.35
C TYR B 78 13.80 -17.86 -14.91
N SER B 79 14.72 -18.08 -15.83
CA SER B 79 15.86 -18.94 -15.62
C SER B 79 16.84 -18.33 -14.64
N LEU B 80 17.58 -19.19 -13.94
CA LEU B 80 18.68 -18.76 -13.07
C LEU B 80 19.76 -17.99 -13.84
N LYS B 81 19.88 -18.23 -15.16
CA LYS B 81 20.84 -17.50 -15.98
C LYS B 81 20.44 -16.06 -16.32
N SER B 82 19.20 -15.66 -16.05
CA SER B 82 18.65 -14.42 -16.61
C SER B 82 19.17 -13.22 -15.86
N ILE B 83 19.11 -13.28 -14.54
CA ILE B 83 19.78 -12.35 -13.65
C ILE B 83 20.46 -13.18 -12.56
N ASP B 84 21.70 -12.80 -12.23
CA ASP B 84 22.51 -13.46 -11.19
C ASP B 84 21.75 -13.46 -9.87
N PRO B 85 21.44 -14.65 -9.32
CA PRO B 85 20.70 -14.66 -8.05
C PRO B 85 21.44 -13.98 -6.89
N VAL B 86 22.77 -13.85 -7.02
CA VAL B 86 23.60 -13.11 -6.08
C VAL B 86 23.22 -11.63 -6.13
N LEU B 87 22.76 -11.13 -7.27
CA LEU B 87 22.26 -9.74 -7.37
C LEU B 87 20.80 -9.64 -7.01
N MET B 88 20.00 -10.61 -7.40
CA MET B 88 18.57 -10.53 -7.16
C MET B 88 18.24 -10.56 -5.65
N ALA B 89 18.96 -11.38 -4.90
CA ALA B 89 18.71 -11.56 -3.48
C ALA B 89 18.74 -10.25 -2.66
N PRO B 90 19.85 -9.48 -2.70
CA PRO B 90 19.84 -8.19 -2.04
C PRO B 90 18.92 -7.17 -2.68
N THR B 91 18.63 -7.30 -3.98
CA THR B 91 17.58 -6.46 -4.61
C THR B 91 16.18 -6.72 -4.01
N CYS B 92 15.88 -7.98 -3.72
CA CYS B 92 14.57 -8.36 -3.18
C CYS B 92 14.41 -7.83 -1.73
N VAL B 93 15.44 -7.95 -0.93
CA VAL B 93 15.43 -7.36 0.42
C VAL B 93 15.20 -5.84 0.36
N PHE B 94 15.96 -5.18 -0.52
CA PHE B 94 15.92 -3.74 -0.72
C PHE B 94 14.51 -3.25 -1.07
N LEU B 95 13.88 -3.90 -2.04
CA LEU B 95 12.53 -3.54 -2.45
C LEU B 95 11.50 -3.84 -1.34
N ALA B 96 11.65 -4.98 -0.67
CA ALA B 96 10.73 -5.39 0.37
C ALA B 96 10.75 -4.42 1.53
N SER B 97 11.93 -3.93 1.88
CA SER B 97 12.07 -2.98 3.00
C SER B 97 11.38 -1.65 2.72
N LYS B 98 11.27 -1.27 1.46
CA LYS B 98 10.52 -0.07 1.05
C LYS B 98 9.02 -0.27 1.00
N VAL B 99 8.59 -1.50 0.72
CA VAL B 99 7.15 -1.82 0.75
C VAL B 99 6.70 -1.83 2.19
N GLU B 100 7.42 -2.60 2.99
CA GLU B 100 7.06 -2.90 4.39
C GLU B 100 7.36 -1.78 5.39
N GLU B 101 7.63 -0.56 4.90
CA GLU B 101 7.53 0.67 5.70
C GLU B 101 8.65 0.82 6.76
N PHE B 102 9.78 0.14 6.54
CA PHE B 102 10.96 0.24 7.42
C PHE B 102 11.82 1.45 7.03
N GLY B 103 12.14 1.54 5.75
CA GLY B 103 12.88 2.68 5.18
C GLY B 103 13.56 2.32 3.88
N VAL B 104 14.05 3.34 3.16
CA VAL B 104 15.02 3.12 2.09
C VAL B 104 16.29 2.79 2.84
N VAL B 105 16.72 1.53 2.78
CA VAL B 105 17.94 1.15 3.50
C VAL B 105 19.07 1.84 2.72
N SER B 106 19.93 2.54 3.45
CA SER B 106 21.08 3.21 2.87
C SER B 106 21.76 2.34 1.81
N ASN B 107 22.23 3.00 0.77
CA ASN B 107 22.86 2.32 -0.35
C ASN B 107 24.16 1.67 0.12
N THR B 108 24.99 2.48 0.78
CA THR B 108 26.25 2.03 1.37
C THR B 108 26.04 0.91 2.38
N ARG B 109 24.91 0.93 3.08
CA ARG B 109 24.53 -0.10 4.05
C ARG B 109 24.00 -1.39 3.41
N LEU B 110 23.22 -1.25 2.34
CA LEU B 110 22.79 -2.43 1.59
C LEU B 110 24.01 -3.15 0.98
N ILE B 111 24.88 -2.39 0.34
CA ILE B 111 26.06 -2.92 -0.33
C ILE B 111 27.02 -3.50 0.69
N ALA B 112 27.21 -2.81 1.82
CA ALA B 112 28.02 -3.32 2.94
C ALA B 112 27.50 -4.61 3.54
N ALA B 113 26.18 -4.78 3.62
CA ALA B 113 25.59 -5.98 4.17
C ALA B 113 25.80 -7.19 3.26
N ALA B 114 25.54 -6.99 1.97
CA ALA B 114 25.76 -8.05 1.01
C ALA B 114 27.24 -8.46 1.03
N THR B 115 28.15 -7.50 0.91
CA THR B 115 29.59 -7.77 1.02
C THR B 115 29.93 -8.55 2.30
N SER B 116 29.41 -8.08 3.44
CA SER B 116 29.77 -8.65 4.74
C SER B 116 29.20 -10.05 4.96
N VAL B 117 27.93 -10.26 4.58
CA VAL B 117 27.26 -11.56 4.76
C VAL B 117 27.87 -12.67 3.90
N LEU B 118 28.14 -12.40 2.63
CA LEU B 118 28.79 -13.39 1.77
C LEU B 118 30.18 -13.75 2.27
N LYS B 119 30.92 -12.75 2.73
CA LYS B 119 32.28 -12.92 3.23
C LYS B 119 32.33 -13.80 4.48
N THR B 120 31.48 -13.48 5.45
CA THR B 120 31.61 -14.02 6.80
C THR B 120 30.81 -15.30 6.99
N ARG B 121 29.61 -15.32 6.41
CA ARG B 121 28.67 -16.43 6.60
C ARG B 121 28.59 -17.38 5.39
N PHE B 122 29.07 -16.98 4.22
CA PHE B 122 28.91 -17.78 3.01
C PHE B 122 30.20 -17.96 2.19
N SER B 123 31.36 -17.89 2.85
CA SER B 123 32.65 -18.02 2.14
C SER B 123 32.87 -19.42 1.54
N TYR B 124 32.17 -20.44 2.07
CA TYR B 124 32.18 -21.79 1.49
C TYR B 124 31.64 -21.86 0.07
N ALA B 125 30.72 -20.96 -0.26
CA ALA B 125 30.11 -20.89 -1.58
C ALA B 125 30.79 -19.87 -2.49
N PHE B 126 31.26 -18.76 -1.93
CA PHE B 126 31.81 -17.64 -2.72
C PHE B 126 33.27 -17.33 -2.36
N PRO B 127 34.22 -17.71 -3.24
CA PRO B 127 35.60 -17.26 -2.98
C PRO B 127 35.78 -15.75 -3.13
N LYS B 128 35.27 -15.17 -4.22
CA LYS B 128 35.41 -13.74 -4.50
C LYS B 128 34.39 -12.90 -3.71
N GLU B 129 34.73 -11.62 -3.49
CA GLU B 129 33.85 -10.67 -2.80
C GLU B 129 32.61 -10.35 -3.65
N PHE B 130 31.53 -9.92 -2.99
CA PHE B 130 30.32 -9.41 -3.66
C PHE B 130 30.74 -8.34 -4.65
N PRO B 131 30.50 -8.57 -5.96
CA PRO B 131 31.06 -7.69 -6.98
C PRO B 131 30.13 -6.59 -7.49
N TYR B 132 28.91 -6.48 -6.97
CA TYR B 132 27.95 -5.50 -7.50
C TYR B 132 27.94 -4.20 -6.71
N ARG B 133 27.81 -3.10 -7.43
CA ARG B 133 27.52 -1.79 -6.90
C ARG B 133 26.02 -1.47 -6.92
N MET B 134 25.68 -0.32 -6.34
CA MET B 134 24.30 0.06 -6.13
C MET B 134 23.56 0.27 -7.43
N ASN B 135 24.20 0.86 -8.43
CA ASN B 135 23.57 1.03 -9.75
C ASN B 135 23.08 -0.29 -10.40
N HIS B 136 23.70 -1.42 -10.05
CA HIS B 136 23.24 -2.74 -10.45
C HIS B 136 22.00 -3.20 -9.71
N ILE B 137 21.98 -2.92 -8.39
CA ILE B 137 20.79 -3.14 -7.53
C ILE B 137 19.61 -2.35 -8.11
N LEU B 138 19.86 -1.08 -8.42
CA LEU B 138 18.84 -0.20 -9.00
C LEU B 138 18.28 -0.68 -10.34
N GLU B 139 19.15 -1.18 -11.21
CA GLU B 139 18.74 -1.77 -12.49
C GLU B 139 17.89 -2.99 -12.25
N CYS B 140 18.44 -3.95 -11.50
CA CYS B 140 17.74 -5.20 -11.14
C CYS B 140 16.35 -4.99 -10.53
N GLU B 141 16.23 -3.94 -9.72
CA GLU B 141 14.96 -3.60 -9.07
C GLU B 141 13.86 -3.30 -10.09
N PHE B 142 14.21 -2.55 -11.14
CA PHE B 142 13.25 -2.32 -12.23
C PHE B 142 12.79 -3.62 -12.90
N TYR B 143 13.72 -4.51 -13.23
CA TYR B 143 13.35 -5.78 -13.84
C TYR B 143 12.49 -6.64 -12.91
N LEU B 144 12.79 -6.58 -11.61
CA LEU B 144 12.04 -7.36 -10.62
C LEU B 144 10.60 -6.91 -10.55
N LEU B 145 10.44 -5.60 -10.46
CA LEU B 145 9.13 -4.99 -10.34
C LEU B 145 8.30 -5.29 -11.61
N GLU B 146 8.91 -5.15 -12.77
CA GLU B 146 8.22 -5.47 -14.05
C GLU B 146 7.75 -6.92 -14.07
N LEU B 147 8.61 -7.86 -13.67
CA LEU B 147 8.23 -9.28 -13.72
C LEU B 147 7.09 -9.58 -12.78
N MET B 148 7.14 -9.03 -11.57
CA MET B 148 6.06 -9.29 -10.61
C MET B 148 4.76 -8.54 -10.94
N ASP B 149 4.75 -7.82 -12.06
CA ASP B 149 3.58 -7.09 -12.52
C ASP B 149 3.15 -6.14 -11.38
N CYS B 150 4.15 -5.48 -10.79
CA CYS B 150 3.98 -4.55 -9.65
C CYS B 150 3.17 -5.09 -8.46
N CYS B 151 3.17 -6.40 -8.27
CA CYS B 151 2.48 -7.04 -7.15
C CYS B 151 3.46 -7.06 -5.97
N LEU B 152 3.25 -6.18 -4.99
CA LEU B 152 4.17 -5.99 -3.87
C LEU B 152 3.64 -6.42 -2.51
N ILE B 153 2.33 -6.30 -2.29
CA ILE B 153 1.73 -6.74 -1.04
C ILE B 153 1.67 -8.27 -1.05
N VAL B 154 2.40 -8.88 -0.12
CA VAL B 154 2.42 -10.33 0.06
C VAL B 154 1.91 -10.69 1.47
N TYR B 155 1.21 -11.81 1.54
CA TYR B 155 0.52 -12.31 2.71
C TYR B 155 1.33 -13.52 3.14
N HIS B 156 1.50 -13.71 4.44
CA HIS B 156 2.36 -14.77 4.96
C HIS B 156 1.62 -15.55 6.05
N PRO B 157 2.11 -16.74 6.44
CA PRO B 157 1.44 -17.55 7.47
C PRO B 157 1.52 -17.06 8.91
N TYR B 158 2.40 -16.10 9.19
CA TYR B 158 2.66 -15.71 10.58
C TYR B 158 1.39 -15.17 11.23
N ARG B 159 0.68 -14.29 10.52
CA ARG B 159 -0.52 -13.65 11.07
C ARG B 159 -1.62 -14.66 11.40
N PRO B 160 -2.02 -15.51 10.43
CA PRO B 160 -3.03 -16.51 10.80
C PRO B 160 -2.55 -17.52 11.86
N LEU B 161 -1.27 -17.91 11.81
CA LEU B 161 -0.72 -18.79 12.85
C LEU B 161 -1.02 -18.25 14.25
N LEU B 162 -0.74 -16.97 14.43
CA LEU B 162 -0.91 -16.28 15.70
C LEU B 162 -2.34 -16.30 16.14
N GLN B 163 -3.26 -16.09 15.20
CA GLN B 163 -4.69 -16.15 15.49
C GLN B 163 -5.09 -17.58 15.91
N TYR B 164 -4.60 -18.59 15.19
CA TYR B 164 -4.89 -19.98 15.54
C TYR B 164 -4.39 -20.37 16.94
N VAL B 165 -3.17 -20.00 17.30
CA VAL B 165 -2.64 -20.38 18.65
C VAL B 165 -3.34 -19.62 19.80
N GLN B 166 -3.69 -18.35 19.54
CA GLN B 166 -4.53 -17.58 20.47
C GLN B 166 -5.84 -18.29 20.68
N ASP B 167 -6.48 -18.71 19.59
CA ASP B 167 -7.74 -19.50 19.61
C ASP B 167 -7.64 -20.79 20.43
N MET B 168 -6.58 -21.55 20.19
CA MET B 168 -6.26 -22.75 20.99
C MET B 168 -6.01 -22.44 22.44
N GLY B 169 -5.45 -21.27 22.71
CA GLY B 169 -5.00 -20.90 24.03
C GLY B 169 -3.70 -21.57 24.37
N GLN B 170 -2.80 -21.68 23.38
CA GLN B 170 -1.51 -22.34 23.55
C GLN B 170 -0.34 -21.58 22.92
N GLU B 171 -0.44 -20.24 22.95
CA GLU B 171 0.63 -19.33 22.50
C GLU B 171 2.00 -19.66 23.12
N ASP B 172 2.04 -20.00 24.41
CA ASP B 172 3.31 -20.31 25.10
C ASP B 172 3.88 -21.65 24.65
N MET B 173 3.00 -22.65 24.59
CA MET B 173 3.40 -24.02 24.29
C MET B 173 3.94 -24.15 22.84
N LEU B 174 3.16 -23.70 21.87
CA LEU B 174 3.34 -24.07 20.46
C LEU B 174 3.87 -22.99 19.53
N LEU B 175 3.70 -21.72 19.91
CA LEU B 175 3.99 -20.61 18.98
C LEU B 175 5.46 -20.53 18.58
N PRO B 176 6.39 -20.68 19.56
CA PRO B 176 7.79 -20.65 19.16
C PRO B 176 8.11 -21.66 18.07
N LEU B 177 7.71 -22.91 18.27
CA LEU B 177 8.03 -23.98 17.32
C LEU B 177 7.28 -23.83 15.99
N ALA B 178 5.99 -23.59 16.06
CA ALA B 178 5.21 -23.39 14.84
C ALA B 178 5.74 -22.25 13.96
N TRP B 179 6.14 -21.15 14.60
CA TRP B 179 6.73 -19.99 13.92
C TRP B 179 8.02 -20.40 13.21
N ARG B 180 8.83 -21.22 13.88
CA ARG B 180 10.08 -21.72 13.36
C ARG B 180 9.84 -22.61 12.14
N ILE B 181 8.81 -23.44 12.23
CA ILE B 181 8.41 -24.31 11.13
C ILE B 181 7.86 -23.47 9.95
N VAL B 182 7.09 -22.42 10.23
CA VAL B 182 6.70 -21.49 9.16
C VAL B 182 7.96 -20.94 8.45
N ASN B 183 8.94 -20.46 9.21
CA ASN B 183 10.22 -20.02 8.61
C ASN B 183 10.78 -21.08 7.66
N ASP B 184 10.78 -22.34 8.09
CA ASP B 184 11.35 -23.44 7.32
C ASP B 184 10.59 -23.71 6.02
N THR B 185 9.29 -23.45 5.99
CA THR B 185 8.51 -23.68 4.77
C THR B 185 8.96 -22.78 3.62
N TYR B 186 9.59 -21.65 3.95
CA TYR B 186 10.17 -20.82 2.88
C TYR B 186 11.32 -21.47 2.13
N ARG B 187 11.84 -22.60 2.61
CA ARG B 187 12.80 -23.41 1.88
C ARG B 187 12.18 -24.25 0.77
N THR B 188 10.87 -24.13 0.53
CA THR B 188 10.16 -24.99 -0.43
C THR B 188 9.32 -24.10 -1.31
N ASP B 189 8.59 -24.72 -2.25
CA ASP B 189 7.62 -24.04 -3.12
C ASP B 189 6.27 -23.67 -2.47
N LEU B 190 6.06 -23.99 -1.20
CA LEU B 190 4.70 -23.92 -0.63
C LEU B 190 4.01 -22.57 -0.80
N CYS B 191 4.74 -21.48 -0.61
CA CYS B 191 4.16 -20.13 -0.72
C CYS B 191 3.69 -19.74 -2.13
N LEU B 192 4.15 -20.46 -3.15
CA LEU B 192 3.66 -20.26 -4.51
C LEU B 192 2.43 -21.09 -4.84
N LEU B 193 2.12 -22.08 -4.00
CA LEU B 193 1.11 -23.08 -4.29
C LEU B 193 -0.14 -23.12 -3.38
N TYR B 194 -0.06 -22.54 -2.17
CA TYR B 194 -1.12 -22.64 -1.17
C TYR B 194 -1.42 -21.31 -0.47
N PRO B 195 -2.68 -21.01 -0.16
CA PRO B 195 -2.93 -19.84 0.69
C PRO B 195 -2.20 -19.89 2.04
N PRO B 196 -1.71 -18.74 2.53
CA PRO B 196 -0.93 -18.70 3.78
C PRO B 196 -1.54 -19.36 5.01
N PHE B 197 -2.84 -19.21 5.20
CA PHE B 197 -3.47 -19.78 6.39
C PHE B 197 -3.41 -21.31 6.41
N MET B 198 -3.25 -21.91 5.23
CA MET B 198 -3.14 -23.35 5.10
C MET B 198 -1.77 -23.84 5.45
N ILE B 199 -0.76 -23.05 5.10
CA ILE B 199 0.60 -23.33 5.50
C ILE B 199 0.66 -23.17 7.04
N ALA B 200 0.04 -22.11 7.55
CA ALA B 200 -0.05 -21.90 9.02
C ALA B 200 -0.61 -23.15 9.70
N LEU B 201 -1.75 -23.60 9.21
CA LEU B 201 -2.40 -24.77 9.80
C LEU B 201 -1.52 -26.02 9.75
N ALA B 202 -0.85 -26.26 8.63
CA ALA B 202 0.07 -27.41 8.55
C ALA B 202 1.24 -27.31 9.53
N CYS B 203 1.85 -26.13 9.60
CA CYS B 203 2.97 -25.90 10.53
C CYS B 203 2.55 -26.13 11.98
N LEU B 204 1.33 -25.70 12.31
CA LEU B 204 0.79 -25.85 13.67
C LEU B 204 0.48 -27.32 13.99
N HIS B 205 -0.07 -28.04 13.02
CA HIS B 205 -0.25 -29.48 13.13
C HIS B 205 1.08 -30.16 13.43
N VAL B 206 2.13 -29.82 12.71
CA VAL B 206 3.43 -30.47 12.92
C VAL B 206 4.01 -30.13 14.29
N ALA B 207 3.91 -28.85 14.68
CA ALA B 207 4.33 -28.41 16.00
C ALA B 207 3.63 -29.21 17.11
N CYS B 208 2.34 -29.47 16.95
CA CYS B 208 1.55 -30.26 17.92
C CYS B 208 1.99 -31.71 17.99
N VAL B 209 2.27 -32.29 16.82
CA VAL B 209 2.78 -33.66 16.73
C VAL B 209 4.18 -33.75 17.33
N VAL B 210 5.04 -32.77 17.03
CA VAL B 210 6.39 -32.71 17.64
C VAL B 210 6.32 -32.62 19.19
N GLN B 211 5.37 -31.83 19.71
CA GLN B 211 5.22 -31.62 21.16
C GLN B 211 4.22 -32.55 21.83
N GLN B 212 3.66 -33.51 21.08
CA GLN B 212 2.72 -34.51 21.63
C GLN B 212 1.49 -33.86 22.23
N LYS B 213 1.00 -32.86 21.51
CA LYS B 213 -0.17 -32.08 21.88
C LYS B 213 -1.33 -32.64 21.07
N ASP B 214 -2.39 -33.07 21.77
CA ASP B 214 -3.61 -33.57 21.11
C ASP B 214 -4.45 -32.36 20.73
N ALA B 215 -4.54 -32.09 19.42
CA ALA B 215 -5.39 -31.04 18.88
C ALA B 215 -6.39 -31.57 17.85
N ARG B 216 -6.61 -32.90 17.85
CA ARG B 216 -7.49 -33.55 16.87
C ARG B 216 -8.80 -32.80 16.79
N GLN B 217 -9.41 -32.64 17.95
CA GLN B 217 -10.74 -32.03 18.06
C GLN B 217 -10.72 -30.60 17.54
N TRP B 218 -9.75 -29.80 17.97
CA TRP B 218 -9.66 -28.41 17.48
C TRP B 218 -9.56 -28.38 15.93
N PHE B 219 -8.72 -29.26 15.36
CA PHE B 219 -8.54 -29.36 13.90
C PHE B 219 -9.81 -29.91 13.21
N ALA B 220 -10.44 -30.92 13.80
CA ALA B 220 -11.72 -31.44 13.31
C ALA B 220 -12.83 -30.38 13.19
N GLU B 221 -12.86 -29.41 14.13
CA GLU B 221 -13.84 -28.31 14.13
C GLU B 221 -13.55 -27.19 13.12
N LEU B 222 -12.46 -27.29 12.35
CA LEU B 222 -12.18 -26.33 11.27
C LEU B 222 -12.97 -26.70 10.02
N SER B 223 -13.43 -25.69 9.30
CA SER B 223 -14.12 -25.88 8.02
C SER B 223 -13.10 -25.61 6.94
N VAL B 224 -12.24 -26.60 6.71
CA VAL B 224 -11.10 -26.48 5.77
C VAL B 224 -10.85 -27.81 5.04
N ASP B 225 -10.28 -27.72 3.85
CA ASP B 225 -9.95 -28.88 3.02
C ASP B 225 -8.74 -29.62 3.62
N MET B 226 -9.00 -30.68 4.37
CA MET B 226 -7.95 -31.38 5.12
C MET B 226 -6.95 -32.18 4.26
N GLU B 227 -7.35 -32.55 3.04
CA GLU B 227 -6.44 -33.20 2.10
C GLU B 227 -5.29 -32.27 1.72
N LYS B 228 -5.63 -31.02 1.39
CA LYS B 228 -4.61 -30.00 1.09
C LYS B 228 -3.67 -29.74 2.27
N ILE B 229 -4.23 -29.75 3.48
CA ILE B 229 -3.45 -29.57 4.70
C ILE B 229 -2.45 -30.72 4.82
N LEU B 230 -2.91 -31.95 4.55
CA LEU B 230 -2.04 -33.13 4.60
C LEU B 230 -0.96 -33.06 3.53
N GLU B 231 -1.31 -32.58 2.34
CA GLU B 231 -0.29 -32.36 1.28
C GLU B 231 0.81 -31.44 1.80
N ILE B 232 0.43 -30.35 2.44
CA ILE B 232 1.39 -29.40 3.00
C ILE B 232 2.24 -30.07 4.08
N ILE B 233 1.58 -30.86 4.95
CA ILE B 233 2.29 -31.56 6.02
C ILE B 233 3.39 -32.44 5.42
N ARG B 234 3.05 -33.20 4.37
CA ARG B 234 4.01 -34.07 3.70
C ARG B 234 5.22 -33.34 3.19
N VAL B 235 4.99 -32.21 2.53
CA VAL B 235 6.10 -31.37 2.04
C VAL B 235 7.00 -30.88 3.20
N ILE B 236 6.38 -30.53 4.34
CA ILE B 236 7.15 -30.14 5.51
C ILE B 236 7.98 -31.33 5.97
N LEU B 237 7.36 -32.50 6.06
CA LEU B 237 8.04 -33.69 6.60
C LEU B 237 9.22 -34.11 5.72
N LYS B 238 9.06 -33.97 4.41
CA LYS B 238 10.11 -34.31 3.44
C LYS B 238 11.27 -33.31 3.51
N LEU B 239 10.93 -32.03 3.62
CA LEU B 239 11.88 -30.94 3.88
C LEU B 239 12.85 -31.25 5.02
N TYR B 240 12.36 -31.82 6.12
CA TYR B 240 13.25 -32.19 7.23
C TYR B 240 14.17 -33.38 6.94
N GLU B 241 13.71 -34.32 6.12
CA GLU B 241 14.58 -35.37 5.58
C GLU B 241 15.61 -34.81 4.60
N GLN B 242 15.17 -33.97 3.67
CA GLN B 242 16.09 -33.27 2.76
C GLN B 242 17.22 -32.56 3.55
N TRP B 243 16.83 -31.85 4.61
CA TRP B 243 17.73 -31.06 5.48
C TRP B 243 18.77 -31.98 6.13
N LYS B 244 18.28 -33.07 6.71
CA LYS B 244 19.15 -34.09 7.31
C LYS B 244 20.21 -34.56 6.31
N ASN B 245 19.78 -34.93 5.11
CA ASN B 245 20.67 -35.50 4.09
C ASN B 245 21.52 -34.49 3.29
N PHE B 246 21.35 -33.18 3.51
CA PHE B 246 22.01 -32.11 2.74
C PHE B 246 23.12 -31.47 3.55
N ASP B 247 24.36 -31.52 3.06
CA ASP B 247 25.39 -30.67 3.60
C ASP B 247 25.62 -29.51 2.65
N GLU B 248 24.81 -28.49 2.86
CA GLU B 248 24.93 -27.20 2.19
C GLU B 248 26.39 -26.77 2.06
N ARG B 249 27.10 -26.81 3.17
CA ARG B 249 28.48 -26.27 3.20
C ARG B 249 29.46 -27.00 2.29
N LYS B 250 29.35 -28.32 2.17
CA LYS B 250 30.23 -29.10 1.27
C LYS B 250 29.78 -29.12 -0.21
N GLU B 251 28.47 -28.95 -0.45
CA GLU B 251 27.89 -29.15 -1.79
C GLU B 251 27.69 -27.89 -2.63
N MET B 252 27.47 -26.73 -2.02
CA MET B 252 27.00 -25.55 -2.76
C MET B 252 27.95 -24.89 -3.78
N ALA B 253 29.25 -24.93 -3.56
CA ALA B 253 30.18 -24.39 -4.55
C ALA B 253 30.02 -25.14 -5.87
N THR B 254 30.07 -26.48 -5.77
CA THR B 254 29.87 -27.36 -6.92
C THR B 254 28.53 -27.09 -7.62
N ILE B 255 27.46 -27.02 -6.84
CA ILE B 255 26.11 -26.80 -7.40
C ILE B 255 26.02 -25.42 -8.07
N LEU B 256 26.58 -24.39 -7.46
CA LEU B 256 26.63 -23.04 -8.05
C LEU B 256 27.43 -22.98 -9.36
N SER B 257 28.48 -23.77 -9.50
CA SER B 257 29.23 -23.85 -10.78
C SER B 257 28.45 -24.56 -11.90
N LYS B 258 27.51 -25.44 -11.55
CA LYS B 258 26.60 -26.08 -12.50
C LYS B 258 25.47 -25.18 -13.01
N MET B 259 25.07 -24.14 -12.27
CA MET B 259 24.06 -23.18 -12.76
C MET B 259 24.37 -22.72 -14.19
N PRO B 260 23.32 -22.48 -14.99
CA PRO B 260 23.59 -21.86 -16.28
C PRO B 260 23.98 -20.39 -16.10
N LYS B 261 24.82 -19.91 -17.03
CA LYS B 261 25.50 -18.63 -16.92
C LYS B 261 24.86 -17.57 -17.82
N PRO B 262 24.67 -16.33 -17.29
CA PRO B 262 24.23 -15.22 -18.13
C PRO B 262 25.13 -15.02 -19.35
N LYS B 263 24.54 -15.09 -20.55
CA LYS B 263 25.27 -14.92 -21.83
C LYS B 263 25.78 -13.48 -21.95
N PRO B 264 27.06 -13.30 -22.35
CA PRO B 264 27.55 -11.93 -22.55
C PRO B 264 26.99 -11.31 -23.85
N PRO B 265 26.99 -9.96 -23.95
CA PRO B 265 26.70 -9.30 -25.23
C PRO B 265 27.71 -9.67 -26.31
N PRO B 266 27.30 -9.66 -27.59
CA PRO B 266 28.27 -9.78 -28.69
C PRO B 266 28.86 -8.42 -29.10
C1 C1I C . -2.46 25.82 -7.47
N2 C1I C . -3.90 25.95 -7.26
C3 C1I C . -4.50 26.56 -8.45
C4 C1I C . -4.53 24.67 -6.95
C6 C1I C . -4.29 23.73 -8.12
C7 C1I C . -4.85 22.32 -7.91
C8 C1I C . -6.34 22.18 -8.20
C9 C1I C . -6.44 20.70 -8.65
C10 C1I C . -4.99 20.21 -8.79
O11 C1I C . -4.23 21.43 -8.86
C12 C1I C . -4.56 19.55 -7.47
C13 C1I C . -4.46 20.47 -6.35
C14 C1I C . -4.58 21.81 -6.51
C15 C1I C . -4.49 22.74 -5.33
O17 C1I C . -3.68 22.14 -4.33
C18 C1I C . -3.87 24.08 -5.70
O20 C1I C . -4.07 24.98 -4.61
C21 C1I C . -4.29 18.28 -7.37
C22 C1I C . -4.37 17.32 -8.51
C23 C1I C . -5.13 17.86 -9.70
C24 C1I C . -6.62 17.77 -9.46
C25 C1I C . -4.78 17.33 -11.07
C26 C1I C . -5.47 18.33 -12.03
C27 C1I C . -5.48 19.67 -11.25
C28 C1I C . -4.70 19.34 -9.99
C29 C1I C . -5.20 15.90 -11.31
C30 C1I C . -6.17 15.57 -12.19
C31 C1I C . -6.51 14.23 -12.38
C32 C1I C . -7.51 13.82 -13.27
N33 C1I C . -7.77 12.56 -13.42
C34 C1I C . -7.14 11.61 -12.77
C35 C1I C . -6.15 11.89 -11.89
C36 C1I C . -5.80 13.24 -11.67
C37 C1I C . -4.79 13.60 -10.79
C38 C1I C . -4.50 14.91 -10.62
C FMT D . -30.58 18.73 -6.19
O1 FMT D . -30.84 19.26 -5.11
O2 FMT D . -29.32 18.66 -6.59
C FMT E . -17.51 17.02 -18.93
O1 FMT E . -17.95 17.39 -17.85
O2 FMT E . -16.76 15.91 -19.00
C FMT F . -3.57 9.18 -7.98
O1 FMT F . -3.30 10.36 -8.18
O2 FMT F . -3.28 8.62 -6.79
C FMT G . 5.06 -20.19 -13.84
O1 FMT G . 3.87 -20.44 -13.73
O2 FMT G . 5.46 -18.96 -14.13
C FMT H . 11.84 -16.38 5.58
O1 FMT H . 12.61 -17.25 5.98
O2 FMT H . 10.81 -15.98 6.35
#